data_4HRA
#
_entry.id   4HRA
#
_cell.length_a   154.430
_cell.length_b   154.430
_cell.length_c   47.520
_cell.angle_alpha   90.00
_cell.angle_beta   90.00
_cell.angle_gamma   120.00
#
_symmetry.space_group_name_H-M   'P 65'
#
loop_
_entity.id
_entity.type
_entity.pdbx_description
1 polymer 'Histone-lysine N-methyltransferase, H3 lysine-79 specific'
2 non-polymer "5'-[{cis-3-[2-(5-tert-butyl-1H-benzimidazol-2-yl)ethyl]cyclobutyl}(propan-2-yl)amino]-5'-deoxyadenosine"
3 non-polymer 'SULFATE ION'
#
_entity_poly.entity_id   1
_entity_poly.type   'polypeptide(L)'
_entity_poly.pdbx_seq_one_letter_code
;HHHHHHSSGMGEKLELRLKSPVGAEPAVYPWPLPVYDKHHDAAHEIIETIRWVCEEIPDLKLAMENYVLIDYDTKSFESM
QRLCDKYNRAIDSIHQLWKGTTQPMKLNTRPSTGLLRHILQQVYNHSVTDPEKLNNYEPFSPEVYGETSFDLVAQMIDEI
KMTDDDLFVDLGSGVGQVVLQVAAATNCKHHYGVEKADIPAKYAETMDREFRKWMKWYGKKHAEYTLERGDFLSEEWRER
IANTSVIFVNNFAFGPEVDHQLKERFANMKEGGRIVSSKPFAPLNFRINSRNLSDIGTIMRVVELSPLKGSVSWTGKPVS
YYLHTIDRTILENYFSSLKNPKLREEQEAARRRQQRESKSNAATPTKGPEGKVAGPADAPMDSGAEEEKAGAATVKKPSP
SKARKKKLNKKGRKMAGRKRGRPKK
;
_entity_poly.pdbx_strand_id   A
#
loop_
_chem_comp.id
_chem_comp.type
_chem_comp.name
_chem_comp.formula
EP6 non-polymer 5'-[{cis-3-[2-(5-tert-butyl-1H-benzimidazol-2-yl)ethyl]cyclobutyl}(propan-2-yl)amino]-5'-deoxyadenosine 'C30 H42 N8 O3'
SO4 non-polymer 'SULFATE ION' 'O4 S -2'
#
# COMPACT_ATOMS: atom_id res chain seq x y z
N LYS A 13 -11.39 30.38 14.37
CA LYS A 13 -12.49 29.40 14.59
C LYS A 13 -12.07 28.33 15.60
N LEU A 14 -11.07 28.66 16.42
CA LEU A 14 -10.42 27.71 17.34
C LEU A 14 -9.95 26.48 16.55
N GLU A 15 -8.96 26.68 15.69
CA GLU A 15 -8.46 25.65 14.78
C GLU A 15 -6.94 25.76 14.52
N LEU A 16 -6.38 24.76 13.83
CA LEU A 16 -4.98 24.77 13.42
C LEU A 16 -4.83 24.55 11.92
N ARG A 17 -3.84 25.20 11.32
CA ARG A 17 -3.59 25.04 9.90
C ARG A 17 -2.11 24.76 9.61
N LEU A 18 -1.85 23.77 8.75
CA LEU A 18 -0.50 23.50 8.26
C LEU A 18 -0.41 23.90 6.80
N LYS A 19 0.62 24.69 6.47
CA LYS A 19 0.84 25.09 5.08
C LYS A 19 1.58 24.02 4.27
N SER A 20 0.91 23.54 3.21
CA SER A 20 1.50 22.63 2.26
C SER A 20 2.87 23.10 1.76
N PRO A 21 3.85 22.19 1.69
CA PRO A 21 5.20 22.55 1.26
C PRO A 21 5.29 22.90 -0.21
N VAL A 22 4.24 22.63 -0.98
CA VAL A 22 4.22 23.03 -2.40
C VAL A 22 3.00 23.90 -2.71
N GLY A 23 2.72 24.82 -1.80
CA GLY A 23 1.66 25.82 -1.97
C GLY A 23 0.30 25.27 -2.36
N ALA A 24 -0.01 24.07 -1.88
CA ALA A 24 -1.35 23.53 -2.01
C ALA A 24 -2.21 24.01 -0.85
N GLU A 25 -3.51 23.71 -0.92
CA GLU A 25 -4.47 24.12 0.11
C GLU A 25 -4.11 23.52 1.47
N PRO A 26 -4.00 24.37 2.50
CA PRO A 26 -3.55 23.97 3.84
C PRO A 26 -4.42 22.90 4.52
N ALA A 27 -3.84 22.22 5.51
CA ALA A 27 -4.56 21.24 6.30
C ALA A 27 -5.23 21.93 7.47
N VAL A 28 -6.57 21.84 7.50
CA VAL A 28 -7.35 22.41 8.60
C VAL A 28 -7.53 21.38 9.73
N TYR A 29 -7.37 21.83 10.97
CA TYR A 29 -7.50 20.96 12.14
C TYR A 29 -8.34 21.58 13.25
N PRO A 30 -9.55 21.04 13.48
CA PRO A 30 -10.46 21.51 14.52
C PRO A 30 -9.95 21.23 15.93
N TRP A 31 -10.29 22.11 16.87
CA TRP A 31 -9.91 21.90 18.28
C TRP A 31 -11.13 21.56 19.15
N PRO A 32 -11.00 20.57 20.06
CA PRO A 32 -9.79 19.80 20.39
C PRO A 32 -9.41 18.77 19.33
N LEU A 33 -8.12 18.46 19.25
CA LEU A 33 -7.54 17.64 18.17
C LEU A 33 -7.90 16.18 18.27
N PRO A 34 -8.71 15.68 17.32
CA PRO A 34 -9.33 14.36 17.38
C PRO A 34 -8.34 13.24 17.68
N VAL A 35 -8.80 12.28 18.47
CA VAL A 35 -8.08 11.04 18.65
C VAL A 35 -8.84 9.94 17.88
N TYR A 36 -8.10 9.12 17.16
CA TYR A 36 -8.67 8.12 16.24
C TYR A 36 -8.77 6.71 16.87
N ASP A 37 -7.71 6.32 17.58
CA ASP A 37 -7.65 5.04 18.29
C ASP A 37 -6.72 5.11 19.50
N LYS A 38 -6.54 3.97 20.16
CA LYS A 38 -5.74 3.87 21.37
C LYS A 38 -4.29 4.35 21.21
N HIS A 39 -3.81 4.38 19.97
CA HIS A 39 -2.42 4.75 19.68
C HIS A 39 -2.26 5.86 18.64
N HIS A 40 -3.36 6.51 18.27
CA HIS A 40 -3.30 7.54 17.22
C HIS A 40 -4.21 8.74 17.43
N ASP A 41 -3.59 9.88 17.74
CA ASP A 41 -4.27 11.17 17.79
C ASP A 41 -3.81 12.08 16.65
N ALA A 42 -4.61 13.10 16.35
CA ALA A 42 -4.27 14.08 15.31
C ALA A 42 -3.11 14.97 15.75
N ALA A 43 -2.96 15.14 17.06
CA ALA A 43 -1.86 15.92 17.62
C ALA A 43 -0.50 15.42 17.13
N HIS A 44 -0.28 14.10 17.22
CA HIS A 44 0.99 13.53 16.78
C HIS A 44 1.10 13.44 15.25
N GLU A 45 -0.05 13.29 14.59
CA GLU A 45 -0.12 13.40 13.12
C GLU A 45 0.59 14.67 12.68
N ILE A 46 0.21 15.79 13.31
CA ILE A 46 0.81 17.11 13.08
C ILE A 46 2.32 17.02 13.23
N ILE A 47 2.76 16.74 14.45
CA ILE A 47 4.18 16.63 14.77
C ILE A 47 4.90 15.77 13.74
N GLU A 48 4.27 14.65 13.38
CA GLU A 48 4.82 13.76 12.37
C GLU A 48 4.91 14.45 11.01
N THR A 49 3.77 14.96 10.55
CA THR A 49 3.66 15.68 9.28
C THR A 49 4.76 16.72 9.13
N ILE A 50 4.95 17.50 10.20
CA ILE A 50 5.99 18.51 10.23
C ILE A 50 7.35 17.89 9.97
N ARG A 51 7.78 16.96 10.84
CA ARG A 51 9.13 16.42 10.74
C ARG A 51 9.34 15.59 9.48
N TRP A 52 8.25 15.14 8.87
CA TRP A 52 8.31 14.52 7.56
C TRP A 52 8.56 15.52 6.43
N VAL A 53 8.00 16.73 6.57
CA VAL A 53 8.25 17.78 5.59
C VAL A 53 9.65 18.35 5.80
N CYS A 54 10.05 18.51 7.07
CA CYS A 54 11.44 18.82 7.44
C CYS A 54 12.42 17.85 6.81
N GLU A 55 11.97 16.61 6.58
CA GLU A 55 12.77 15.60 5.91
C GLU A 55 13.01 15.89 4.43
N GLU A 56 11.93 16.22 3.69
CA GLU A 56 12.03 16.54 2.26
C GLU A 56 12.86 17.81 2.00
N ILE A 57 12.79 18.75 2.95
CA ILE A 57 13.46 20.04 2.79
C ILE A 57 14.53 20.22 3.87
N PRO A 58 15.79 19.88 3.53
CA PRO A 58 16.92 20.11 4.44
C PRO A 58 16.91 21.54 4.97
N ASP A 59 16.57 22.48 4.09
CA ASP A 59 16.45 23.89 4.43
C ASP A 59 15.39 24.16 5.51
N LEU A 60 14.21 23.57 5.36
CA LEU A 60 13.15 23.73 6.35
C LEU A 60 13.66 23.20 7.67
N LYS A 61 14.27 22.02 7.64
CA LYS A 61 14.89 21.41 8.82
C LYS A 61 15.86 22.41 9.44
N LEU A 62 16.76 22.93 8.60
CA LEU A 62 17.74 23.94 9.02
C LEU A 62 17.06 25.15 9.69
N ALA A 63 15.94 25.58 9.11
CA ALA A 63 15.17 26.71 9.65
C ALA A 63 14.35 26.34 10.89
N MET A 64 14.16 25.04 11.13
CA MET A 64 13.31 24.55 12.22
C MET A 64 14.10 24.02 13.41
N GLU A 65 14.91 22.99 13.18
CA GLU A 65 15.64 22.27 14.24
C GLU A 65 16.53 23.16 15.11
N ASN A 66 17.25 24.07 14.47
CA ASN A 66 18.15 24.99 15.15
C ASN A 66 17.40 25.98 16.04
N TYR A 67 16.08 25.86 16.06
CA TYR A 67 15.21 26.71 16.86
C TYR A 67 14.23 25.88 17.70
N VAL A 68 13.56 24.92 17.05
CA VAL A 68 12.53 24.09 17.70
C VAL A 68 13.13 23.07 18.66
N LEU A 69 12.32 22.63 19.62
CA LEU A 69 12.69 21.55 20.55
C LEU A 69 11.81 20.31 20.34
N ILE A 70 11.06 20.33 19.24
CA ILE A 70 10.16 19.23 18.83
C ILE A 70 8.94 19.05 19.75
N ASP A 71 9.18 18.90 21.04
CA ASP A 71 8.12 18.57 22.00
C ASP A 71 7.33 19.76 22.56
N TYR A 72 6.02 19.59 22.62
CA TYR A 72 5.10 20.51 23.29
C TYR A 72 4.01 19.70 23.97
N ASP A 73 3.37 20.29 24.97
CA ASP A 73 2.21 19.63 25.59
C ASP A 73 1.03 19.72 24.62
N THR A 74 0.56 18.54 24.20
CA THR A 74 -0.44 18.42 23.14
C THR A 74 -1.85 18.82 23.62
N LYS A 75 -2.01 18.97 24.93
CA LYS A 75 -3.31 19.29 25.53
C LYS A 75 -3.71 20.75 25.31
N SER A 76 -2.71 21.59 25.06
CA SER A 76 -2.90 23.03 24.95
C SER A 76 -2.90 23.54 23.50
N PHE A 77 -3.97 24.23 23.13
CA PHE A 77 -4.09 24.85 21.82
C PHE A 77 -3.12 26.02 21.68
N GLU A 78 -2.91 26.69 22.82
CA GLU A 78 -1.98 27.80 22.93
C GLU A 78 -0.54 27.35 22.67
N SER A 79 -0.31 26.05 22.79
CA SER A 79 1.01 25.46 22.60
C SER A 79 1.13 24.74 21.25
N MET A 80 -0.02 24.34 20.71
CA MET A 80 -0.06 23.65 19.41
C MET A 80 0.01 24.66 18.28
N GLN A 81 -0.69 25.77 18.46
CA GLN A 81 -0.66 26.89 17.52
C GLN A 81 0.72 27.52 17.50
N ARG A 82 1.38 27.51 18.66
CA ARG A 82 2.75 28.00 18.79
C ARG A 82 3.63 27.30 17.76
N LEU A 83 3.51 25.98 17.68
CA LEU A 83 4.31 25.16 16.77
C LEU A 83 3.89 25.34 15.30
N CYS A 84 2.60 25.18 15.02
CA CYS A 84 2.07 25.33 13.67
C CYS A 84 2.51 26.64 13.02
N ASP A 85 2.37 27.75 13.76
CA ASP A 85 2.85 29.05 13.30
C ASP A 85 4.32 28.98 12.96
N LYS A 86 5.15 28.52 13.90
CA LYS A 86 6.58 28.34 13.66
C LYS A 86 6.84 27.63 12.34
N TYR A 87 6.13 26.50 12.13
CA TYR A 87 6.23 25.74 10.90
C TYR A 87 5.79 26.57 9.70
N ASN A 88 4.60 27.17 9.79
CA ASN A 88 4.05 27.99 8.70
C ASN A 88 4.97 29.15 8.30
N ARG A 89 5.65 29.72 9.29
CA ARG A 89 6.60 30.81 9.07
C ARG A 89 7.84 30.32 8.32
N ALA A 90 8.37 29.18 8.77
CA ALA A 90 9.52 28.56 8.13
C ALA A 90 9.24 28.23 6.66
N ILE A 91 8.01 27.81 6.37
CA ILE A 91 7.54 27.51 5.01
C ILE A 91 7.64 28.73 4.11
N ASP A 92 7.07 29.85 4.58
CA ASP A 92 7.09 31.09 3.82
C ASP A 92 8.52 31.49 3.51
N SER A 93 9.37 31.40 4.53
CA SER A 93 10.79 31.68 4.36
C SER A 93 11.39 30.89 3.21
N ILE A 94 11.12 29.59 3.16
CA ILE A 94 11.67 28.75 2.10
C ILE A 94 11.07 29.14 0.76
N HIS A 95 9.76 29.38 0.74
CA HIS A 95 9.05 29.77 -0.48
C HIS A 95 9.60 31.06 -1.07
N GLN A 96 10.07 31.96 -0.19
CA GLN A 96 10.77 33.16 -0.61
C GLN A 96 12.09 32.79 -1.29
N LEU A 97 12.83 31.86 -0.68
CA LEU A 97 14.07 31.34 -1.24
C LEU A 97 13.83 30.64 -2.58
N TRP A 98 12.62 30.13 -2.76
CA TRP A 98 12.16 29.53 -4.02
C TRP A 98 12.03 30.57 -5.13
N LYS A 99 12.01 31.84 -4.76
CA LYS A 99 11.96 32.94 -5.73
C LYS A 99 13.37 33.44 -6.08
N GLY A 100 14.36 33.02 -5.29
CA GLY A 100 15.77 33.34 -5.54
C GLY A 100 16.41 32.45 -6.59
N THR A 101 17.75 32.44 -6.61
CA THR A 101 18.51 31.67 -7.61
C THR A 101 18.48 30.15 -7.38
N THR A 102 18.02 29.74 -6.20
CA THR A 102 17.98 28.33 -5.80
C THR A 102 16.72 27.64 -6.31
N GLN A 103 16.89 26.41 -6.79
CA GLN A 103 15.77 25.58 -7.24
C GLN A 103 14.96 25.01 -6.08
N PRO A 104 13.65 24.77 -6.30
CA PRO A 104 12.82 24.03 -5.34
C PRO A 104 13.12 22.53 -5.41
N MET A 105 12.55 21.77 -4.48
CA MET A 105 12.61 20.31 -4.51
C MET A 105 11.93 19.81 -5.79
N LYS A 106 12.45 18.71 -6.34
CA LYS A 106 11.86 18.13 -7.54
C LYS A 106 10.44 17.67 -7.25
N LEU A 107 9.48 18.22 -8.01
CA LEU A 107 8.06 17.98 -7.79
C LEU A 107 7.62 16.58 -8.22
N ASN A 108 8.33 15.98 -9.17
CA ASN A 108 7.98 14.66 -9.71
C ASN A 108 8.57 13.48 -8.93
N THR A 109 8.54 13.55 -7.60
CA THR A 109 9.15 12.51 -6.76
C THR A 109 8.15 11.54 -6.14
N ARG A 110 8.59 10.29 -5.97
CA ARG A 110 7.85 9.31 -5.20
C ARG A 110 8.22 9.41 -3.72
N PRO A 111 7.29 9.03 -2.82
CA PRO A 111 7.58 9.12 -1.39
C PRO A 111 8.62 8.09 -0.99
N SER A 112 9.45 8.42 -0.01
CA SER A 112 10.33 7.41 0.56
C SER A 112 9.45 6.53 1.43
N THR A 113 9.84 5.27 1.57
CA THR A 113 9.07 4.29 2.35
C THR A 113 8.58 4.91 3.65
N GLY A 114 9.53 5.40 4.45
CA GLY A 114 9.22 6.03 5.73
C GLY A 114 8.09 7.04 5.65
N LEU A 115 8.17 7.95 4.69
CA LEU A 115 7.18 9.01 4.52
C LEU A 115 5.80 8.45 4.20
N LEU A 116 5.78 7.46 3.32
CA LEU A 116 4.54 6.89 2.79
C LEU A 116 3.72 6.20 3.88
N ARG A 117 4.40 5.56 4.83
CA ARG A 117 3.71 4.92 5.94
C ARG A 117 2.87 5.97 6.67
N HIS A 118 3.52 7.08 7.01
CA HIS A 118 2.86 8.21 7.63
C HIS A 118 1.70 8.75 6.78
N ILE A 119 1.90 8.84 5.47
CA ILE A 119 0.87 9.36 4.58
C ILE A 119 -0.37 8.47 4.59
N LEU A 120 -0.17 7.18 4.35
CA LEU A 120 -1.27 6.21 4.31
C LEU A 120 -1.98 6.18 5.65
N GLN A 121 -1.19 6.36 6.71
CA GLN A 121 -1.72 6.43 8.06
C GLN A 121 -2.74 7.56 8.20
N GLN A 122 -2.41 8.73 7.65
CA GLN A 122 -3.31 9.89 7.65
C GLN A 122 -4.60 9.57 6.89
N VAL A 123 -4.43 9.00 5.69
CA VAL A 123 -5.52 8.60 4.83
C VAL A 123 -6.48 7.67 5.56
N TYR A 124 -5.93 6.78 6.37
CA TYR A 124 -6.76 5.89 7.18
C TYR A 124 -7.50 6.69 8.25
N ASN A 125 -6.74 7.35 9.13
CA ASN A 125 -7.27 8.15 10.22
C ASN A 125 -8.39 9.09 9.81
N HIS A 126 -8.29 9.62 8.59
CA HIS A 126 -9.23 10.62 8.13
C HIS A 126 -10.44 10.04 7.43
N SER A 127 -10.26 8.90 6.76
CA SER A 127 -11.34 8.29 5.98
C SER A 127 -12.17 7.29 6.79
N VAL A 128 -11.49 6.51 7.63
CA VAL A 128 -12.18 5.51 8.44
C VAL A 128 -12.86 6.18 9.64
N THR A 129 -14.11 6.61 9.43
CA THR A 129 -14.89 7.31 10.46
C THR A 129 -15.23 6.39 11.63
N ASP A 130 -15.63 5.16 11.32
CA ASP A 130 -15.94 4.17 12.34
C ASP A 130 -14.96 3.00 12.23
N PRO A 131 -13.88 3.02 13.05
CA PRO A 131 -12.86 1.97 13.05
C PRO A 131 -13.36 0.63 13.60
N GLU A 132 -14.67 0.52 13.83
CA GLU A 132 -15.28 -0.69 14.37
C GLU A 132 -16.29 -1.34 13.41
N LYS A 133 -16.84 -0.54 12.50
CA LYS A 133 -17.86 -1.02 11.55
C LYS A 133 -17.36 -2.10 10.59
N LEU A 134 -16.05 -2.09 10.31
CA LEU A 134 -15.43 -3.10 9.45
C LEU A 134 -14.66 -4.16 10.23
N ASN A 135 -13.91 -3.72 11.25
CA ASN A 135 -13.10 -4.62 12.09
C ASN A 135 -13.91 -5.70 12.83
N ASN A 136 -15.23 -5.63 12.72
CA ASN A 136 -16.13 -6.66 13.21
C ASN A 136 -16.21 -7.82 12.21
N TYR A 137 -16.15 -7.49 10.93
CA TYR A 137 -16.28 -8.47 9.85
C TYR A 137 -14.95 -8.76 9.16
N GLU A 138 -13.89 -8.03 9.54
CA GLU A 138 -12.57 -8.22 8.94
C GLU A 138 -11.85 -9.50 9.40
N PRO A 139 -11.66 -9.68 10.73
CA PRO A 139 -11.02 -10.91 11.17
C PRO A 139 -12.03 -12.00 11.56
N THR A 148 0.66 -3.71 11.74
CA THR A 148 0.75 -2.79 10.61
C THR A 148 1.09 -3.51 9.30
N SER A 149 0.05 -3.86 8.53
CA SER A 149 0.25 -4.59 7.28
C SER A 149 1.21 -3.86 6.32
N PHE A 150 1.50 -2.59 6.59
CA PHE A 150 2.34 -1.77 5.72
C PHE A 150 3.74 -2.34 5.54
N ASP A 151 4.46 -2.48 6.65
CA ASP A 151 5.82 -3.01 6.66
C ASP A 151 5.90 -4.33 5.91
N LEU A 152 4.93 -5.20 6.19
CA LEU A 152 4.80 -6.48 5.49
C LEU A 152 4.70 -6.26 3.99
N VAL A 153 3.63 -5.60 3.56
CA VAL A 153 3.41 -5.35 2.14
C VAL A 153 4.65 -4.72 1.48
N ALA A 154 5.34 -3.86 2.20
CA ALA A 154 6.58 -3.24 1.69
C ALA A 154 7.59 -4.33 1.32
N GLN A 155 7.79 -5.30 2.22
CA GLN A 155 8.67 -6.43 1.98
C GLN A 155 8.32 -7.12 0.68
N MET A 156 7.03 -7.48 0.54
CA MET A 156 6.52 -8.18 -0.63
C MET A 156 6.85 -7.46 -1.93
N ILE A 157 6.79 -6.13 -1.89
CA ILE A 157 7.03 -5.29 -3.07
C ILE A 157 8.51 -5.34 -3.51
N ASP A 158 9.41 -5.46 -2.54
CA ASP A 158 10.83 -5.66 -2.84
C ASP A 158 11.06 -7.05 -3.41
N GLU A 159 10.35 -8.02 -2.84
CA GLU A 159 10.41 -9.41 -3.31
C GLU A 159 9.87 -9.56 -4.73
N ILE A 160 8.77 -8.87 -5.01
CA ILE A 160 8.13 -8.90 -6.33
C ILE A 160 9.04 -8.33 -7.42
N LYS A 161 10.02 -7.52 -7.02
CA LYS A 161 10.96 -6.89 -7.96
C LYS A 161 10.20 -6.37 -9.17
N MET A 162 9.23 -5.48 -8.91
CA MET A 162 8.27 -5.07 -9.95
C MET A 162 8.89 -4.18 -11.02
N THR A 163 8.53 -4.48 -12.27
CA THR A 163 9.08 -3.79 -13.44
C THR A 163 8.01 -2.91 -14.08
N ASP A 164 8.45 -1.86 -14.75
CA ASP A 164 7.55 -0.82 -15.28
C ASP A 164 6.44 -1.31 -16.23
N ASP A 165 6.43 -2.61 -16.52
CA ASP A 165 5.46 -3.19 -17.45
C ASP A 165 4.35 -4.00 -16.79
N ASP A 166 4.45 -4.22 -15.48
CA ASP A 166 3.50 -5.09 -14.76
C ASP A 166 2.15 -4.42 -14.53
N LEU A 167 1.15 -5.26 -14.22
CA LEU A 167 -0.16 -4.80 -13.72
C LEU A 167 -0.47 -5.46 -12.39
N PHE A 168 -1.00 -4.67 -11.45
CA PHE A 168 -1.26 -5.16 -10.10
C PHE A 168 -2.73 -5.12 -9.70
N VAL A 169 -3.20 -6.22 -9.10
CA VAL A 169 -4.51 -6.28 -8.49
C VAL A 169 -4.46 -6.88 -7.08
N ASP A 170 -5.13 -6.20 -6.14
CA ASP A 170 -5.43 -6.77 -4.83
C ASP A 170 -6.84 -7.39 -4.86
N LEU A 171 -6.89 -8.72 -4.81
CA LEU A 171 -8.16 -9.43 -4.86
C LEU A 171 -8.83 -9.44 -3.49
N GLY A 172 -9.96 -8.74 -3.40
CA GLY A 172 -10.63 -8.52 -2.13
C GLY A 172 -10.02 -7.29 -1.50
N SER A 173 -10.09 -6.19 -2.25
CA SER A 173 -9.34 -4.97 -2.00
C SER A 173 -9.40 -4.39 -0.60
N GLY A 174 -10.52 -4.64 0.10
CA GLY A 174 -10.83 -3.93 1.33
C GLY A 174 -10.99 -2.45 1.03
N VAL A 175 -10.45 -1.61 1.91
CA VAL A 175 -10.44 -0.17 1.69
C VAL A 175 -9.24 0.24 0.81
N GLY A 176 -8.51 -0.78 0.35
CA GLY A 176 -7.46 -0.61 -0.64
C GLY A 176 -6.19 0.08 -0.21
N GLN A 177 -5.82 -0.07 1.06
CA GLN A 177 -4.59 0.55 1.56
C GLN A 177 -3.38 0.06 0.78
N VAL A 178 -3.38 -1.24 0.44
CA VAL A 178 -2.29 -1.83 -0.33
C VAL A 178 -2.30 -1.34 -1.77
N VAL A 179 -3.48 -1.36 -2.40
CA VAL A 179 -3.67 -0.78 -3.73
C VAL A 179 -2.95 0.57 -3.83
N LEU A 180 -3.19 1.43 -2.86
CA LEU A 180 -2.55 2.73 -2.79
C LEU A 180 -1.03 2.61 -2.60
N GLN A 181 -0.60 1.77 -1.66
CA GLN A 181 0.80 1.62 -1.32
C GLN A 181 1.64 1.16 -2.52
N VAL A 182 1.13 0.17 -3.24
CA VAL A 182 1.77 -0.30 -4.46
C VAL A 182 1.87 0.85 -5.45
N ALA A 183 0.78 1.62 -5.58
CA ALA A 183 0.70 2.75 -6.51
C ALA A 183 1.74 3.85 -6.24
N ALA A 184 2.40 3.79 -5.10
CA ALA A 184 3.36 4.81 -4.72
C ALA A 184 4.79 4.29 -4.68
N ALA A 185 4.95 2.98 -4.53
CA ALA A 185 6.28 2.39 -4.39
C ALA A 185 6.81 1.79 -5.69
N THR A 186 5.90 1.53 -6.63
CA THR A 186 6.25 0.91 -7.90
C THR A 186 6.13 1.93 -9.03
N ASN A 187 6.07 1.45 -10.28
CA ASN A 187 5.93 2.35 -11.44
C ASN A 187 5.26 1.68 -12.64
N CYS A 188 3.93 1.66 -12.64
CA CYS A 188 3.17 1.00 -13.71
C CYS A 188 1.87 1.72 -14.07
N LYS A 189 1.15 1.17 -15.05
CA LYS A 189 -0.17 1.68 -15.46
C LYS A 189 -1.23 1.41 -14.41
N HIS A 190 -2.44 1.93 -14.67
CA HIS A 190 -3.60 1.76 -13.77
C HIS A 190 -3.53 0.45 -12.99
N HIS A 191 -3.37 0.60 -11.67
CA HIS A 191 -3.45 -0.54 -10.75
C HIS A 191 -4.86 -0.60 -10.19
N TYR A 192 -5.32 -1.80 -9.84
CA TYR A 192 -6.73 -1.97 -9.46
C TYR A 192 -6.98 -2.66 -8.14
N GLY A 193 -8.06 -2.27 -7.47
CA GLY A 193 -8.59 -2.98 -6.31
C GLY A 193 -10.01 -3.44 -6.56
N VAL A 194 -10.36 -4.63 -6.10
CA VAL A 194 -11.71 -5.17 -6.30
C VAL A 194 -12.39 -5.57 -4.99
N GLU A 195 -13.47 -4.88 -4.66
CA GLU A 195 -14.17 -5.08 -3.40
C GLU A 195 -15.66 -5.36 -3.62
N LYS A 196 -16.15 -6.44 -3.02
CA LYS A 196 -17.54 -6.84 -3.18
C LYS A 196 -18.48 -6.07 -2.23
N ALA A 197 -18.17 -6.11 -0.95
CA ALA A 197 -19.04 -5.54 0.09
C ALA A 197 -19.11 -4.01 0.02
N ASP A 198 -20.30 -3.47 0.27
CA ASP A 198 -20.55 -2.03 0.16
C ASP A 198 -19.80 -1.16 1.17
N ILE A 199 -19.75 -1.62 2.42
CA ILE A 199 -19.06 -0.87 3.49
C ILE A 199 -17.59 -0.53 3.18
N PRO A 200 -16.71 -1.54 2.99
CA PRO A 200 -15.31 -1.21 2.72
C PRO A 200 -15.10 -0.51 1.38
N ALA A 201 -15.96 -0.81 0.41
CA ALA A 201 -15.92 -0.17 -0.90
C ALA A 201 -16.33 1.29 -0.82
N LYS A 202 -17.21 1.60 0.12
CA LYS A 202 -17.67 2.96 0.34
C LYS A 202 -16.57 3.80 0.97
N TYR A 203 -15.95 3.24 2.01
CA TYR A 203 -14.78 3.82 2.64
C TYR A 203 -13.65 4.06 1.64
N ALA A 204 -13.51 3.12 0.70
CA ALA A 204 -12.51 3.22 -0.37
C ALA A 204 -12.69 4.46 -1.25
N GLU A 205 -13.95 4.89 -1.41
CA GLU A 205 -14.27 6.06 -2.23
C GLU A 205 -13.63 7.32 -1.66
N THR A 206 -13.75 7.50 -0.34
CA THR A 206 -13.13 8.64 0.33
C THR A 206 -11.65 8.40 0.56
N MET A 207 -11.26 7.13 0.73
CA MET A 207 -9.85 6.74 0.81
C MET A 207 -9.10 7.11 -0.47
N ASP A 208 -9.80 7.03 -1.60
CA ASP A 208 -9.25 7.51 -2.86
C ASP A 208 -8.91 9.00 -2.75
N ARG A 209 -9.90 9.81 -2.38
CA ARG A 209 -9.74 11.27 -2.33
C ARG A 209 -8.61 11.73 -1.40
N GLU A 210 -8.75 11.41 -0.11
CA GLU A 210 -7.77 11.83 0.89
C GLU A 210 -6.35 11.49 0.44
N PHE A 211 -6.15 10.27 -0.05
CA PHE A 211 -4.85 9.86 -0.58
C PHE A 211 -4.36 10.81 -1.67
N ARG A 212 -5.20 11.05 -2.67
CA ARG A 212 -4.84 11.96 -3.76
C ARG A 212 -4.65 13.40 -3.24
N LYS A 213 -5.47 13.78 -2.27
CA LYS A 213 -5.42 15.09 -1.62
C LYS A 213 -4.08 15.33 -0.93
N TRP A 214 -3.73 14.41 -0.04
CA TRP A 214 -2.51 14.50 0.75
C TRP A 214 -1.25 14.34 -0.08
N MET A 215 -1.30 13.51 -1.11
CA MET A 215 -0.17 13.34 -2.02
C MET A 215 0.20 14.67 -2.67
N LYS A 216 -0.83 15.38 -3.14
CA LYS A 216 -0.66 16.72 -3.71
C LYS A 216 -0.20 17.69 -2.63
N TRP A 217 -0.72 17.52 -1.42
CA TRP A 217 -0.31 18.35 -0.29
C TRP A 217 1.18 18.20 0.00
N TYR A 218 1.72 17.01 -0.26
CA TYR A 218 3.15 16.73 -0.07
C TYR A 218 3.96 16.91 -1.35
N GLY A 219 3.28 16.92 -2.49
CA GLY A 219 3.91 17.08 -3.79
C GLY A 219 4.54 15.81 -4.34
N LYS A 220 3.91 14.67 -4.07
CA LYS A 220 4.45 13.38 -4.51
C LYS A 220 3.57 12.70 -5.55
N LYS A 221 4.23 11.95 -6.45
CA LYS A 221 3.56 11.28 -7.56
C LYS A 221 3.10 9.87 -7.21
N HIS A 222 2.00 9.45 -7.81
CA HIS A 222 1.50 8.10 -7.65
C HIS A 222 0.91 7.62 -8.96
N ALA A 223 1.22 6.37 -9.31
CA ALA A 223 0.65 5.70 -10.48
C ALA A 223 -0.87 5.73 -10.44
N GLU A 224 -1.48 5.65 -11.62
CA GLU A 224 -2.94 5.59 -11.72
C GLU A 224 -3.42 4.36 -11.02
N TYR A 225 -4.50 4.50 -10.25
CA TYR A 225 -5.10 3.36 -9.57
C TYR A 225 -6.61 3.50 -9.61
N THR A 226 -7.32 2.40 -9.37
CA THR A 226 -8.78 2.43 -9.31
C THR A 226 -9.31 1.41 -8.33
N LEU A 227 -10.05 1.89 -7.35
CA LEU A 227 -10.69 1.05 -6.36
C LEU A 227 -12.12 0.80 -6.81
N GLU A 228 -12.42 -0.45 -7.12
CA GLU A 228 -13.67 -0.80 -7.79
C GLU A 228 -14.62 -1.64 -6.94
N ARG A 229 -15.90 -1.55 -7.25
CA ARG A 229 -16.91 -2.46 -6.73
C ARG A 229 -16.98 -3.69 -7.63
N GLY A 230 -17.19 -4.87 -7.03
CA GLY A 230 -17.34 -6.10 -7.79
C GLY A 230 -16.81 -7.37 -7.12
N ASP A 231 -17.17 -8.51 -7.71
CA ASP A 231 -16.72 -9.82 -7.23
C ASP A 231 -15.64 -10.30 -8.20
N PHE A 232 -14.50 -10.76 -7.65
CA PHE A 232 -13.41 -11.20 -8.53
C PHE A 232 -13.67 -12.54 -9.21
N LEU A 233 -14.63 -13.30 -8.68
CA LEU A 233 -14.99 -14.58 -9.27
C LEU A 233 -15.86 -14.38 -10.50
N SER A 234 -16.51 -13.22 -10.60
CA SER A 234 -17.42 -12.91 -11.71
C SER A 234 -16.75 -13.04 -13.09
N GLU A 235 -17.60 -13.27 -14.09
CA GLU A 235 -17.18 -13.48 -15.48
C GLU A 235 -16.16 -12.45 -16.00
N GLU A 236 -16.43 -11.17 -15.77
CA GLU A 236 -15.57 -10.09 -16.26
C GLU A 236 -14.13 -10.20 -15.77
N TRP A 237 -13.97 -10.58 -14.50
CA TRP A 237 -12.65 -10.64 -13.87
C TRP A 237 -11.80 -11.82 -14.32
N ARG A 238 -12.44 -12.91 -14.72
CA ARG A 238 -11.74 -14.07 -15.28
C ARG A 238 -10.71 -13.59 -16.31
N GLU A 239 -11.17 -12.71 -17.20
CA GLU A 239 -10.36 -12.14 -18.26
C GLU A 239 -9.23 -11.30 -17.68
N ARG A 240 -9.57 -10.42 -16.74
CA ARG A 240 -8.64 -9.42 -16.22
C ARG A 240 -7.53 -10.00 -15.36
N ILE A 241 -7.89 -10.98 -14.53
CA ILE A 241 -6.91 -11.74 -13.75
C ILE A 241 -5.83 -12.33 -14.66
N ALA A 242 -6.25 -12.83 -15.82
CA ALA A 242 -5.31 -13.37 -16.81
C ALA A 242 -4.38 -12.30 -17.38
N ASN A 243 -4.87 -11.07 -17.48
CA ASN A 243 -4.05 -9.96 -17.98
C ASN A 243 -3.17 -9.28 -16.91
N THR A 244 -3.42 -9.61 -15.65
CA THR A 244 -2.72 -8.96 -14.53
C THR A 244 -1.42 -9.69 -14.17
N SER A 245 -0.31 -8.96 -14.22
CA SER A 245 1.01 -9.52 -13.96
C SER A 245 1.27 -9.86 -12.48
N VAL A 246 0.86 -8.96 -11.58
CA VAL A 246 1.11 -9.14 -10.14
C VAL A 246 -0.19 -9.26 -9.39
N ILE A 247 -0.31 -10.29 -8.55
CA ILE A 247 -1.53 -10.50 -7.79
C ILE A 247 -1.22 -10.67 -6.32
N PHE A 248 -1.77 -9.77 -5.51
CA PHE A 248 -1.77 -9.93 -4.06
C PHE A 248 -3.13 -10.44 -3.68
N VAL A 249 -3.16 -11.46 -2.82
CA VAL A 249 -4.41 -12.03 -2.34
C VAL A 249 -4.24 -12.65 -0.96
N ASN A 250 -4.97 -12.13 0.02
CA ASN A 250 -4.93 -12.72 1.35
C ASN A 250 -6.00 -13.80 1.45
N ASN A 251 -5.55 -15.05 1.40
CA ASN A 251 -6.46 -16.19 1.31
C ASN A 251 -6.51 -17.04 2.58
N PHE A 252 -6.08 -16.46 3.70
CA PHE A 252 -5.93 -17.21 4.96
C PHE A 252 -7.18 -17.99 5.35
N ALA A 253 -8.33 -17.33 5.31
CA ALA A 253 -9.61 -17.95 5.64
C ALA A 253 -10.51 -17.90 4.43
N PHE A 254 -10.24 -18.77 3.47
CA PHE A 254 -10.97 -18.73 2.19
C PHE A 254 -11.95 -19.88 1.97
N GLY A 255 -11.57 -21.10 2.39
CA GLY A 255 -12.44 -22.25 2.23
C GLY A 255 -12.43 -22.81 0.82
N PRO A 256 -12.36 -24.15 0.69
CA PRO A 256 -12.07 -24.89 -0.55
C PRO A 256 -12.86 -24.48 -1.78
N GLU A 257 -14.09 -24.01 -1.61
CA GLU A 257 -14.92 -23.59 -2.73
C GLU A 257 -14.23 -22.50 -3.56
N VAL A 258 -13.92 -21.37 -2.91
CA VAL A 258 -13.32 -20.21 -3.57
C VAL A 258 -11.86 -20.43 -3.97
N ASP A 259 -11.13 -21.17 -3.14
CA ASP A 259 -9.72 -21.50 -3.37
C ASP A 259 -9.46 -22.16 -4.72
N HIS A 260 -10.33 -23.10 -5.09
CA HIS A 260 -10.20 -23.81 -6.37
C HIS A 260 -10.56 -22.88 -7.53
N GLN A 261 -11.61 -22.10 -7.34
CA GLN A 261 -12.10 -21.17 -8.36
C GLN A 261 -11.04 -20.17 -8.80
N LEU A 262 -10.18 -19.75 -7.87
CA LEU A 262 -9.07 -18.83 -8.17
C LEU A 262 -8.00 -19.49 -9.03
N LYS A 263 -7.59 -20.71 -8.63
CA LYS A 263 -6.56 -21.46 -9.34
C LYS A 263 -6.85 -21.54 -10.83
N GLU A 264 -8.14 -21.61 -11.16
CA GLU A 264 -8.53 -21.66 -12.57
C GLU A 264 -8.28 -20.33 -13.26
N ARG A 265 -8.56 -19.21 -12.58
CA ARG A 265 -8.30 -17.90 -13.16
C ARG A 265 -6.80 -17.68 -13.29
N PHE A 266 -6.05 -18.16 -12.31
CA PHE A 266 -4.60 -18.03 -12.32
C PHE A 266 -3.96 -18.85 -13.43
N ALA A 267 -4.66 -19.91 -13.86
CA ALA A 267 -4.18 -20.79 -14.91
C ALA A 267 -3.94 -20.01 -16.21
N ASN A 268 -4.93 -19.20 -16.60
CA ASN A 268 -4.89 -18.44 -17.84
C ASN A 268 -3.79 -17.40 -17.89
N MET A 269 -3.25 -17.04 -16.73
CA MET A 269 -2.28 -15.94 -16.61
C MET A 269 -1.03 -16.14 -17.47
N LYS A 270 -0.54 -15.02 -18.01
CA LYS A 270 0.68 -15.00 -18.80
C LYS A 270 1.87 -15.63 -18.09
N GLU A 271 2.90 -15.93 -18.86
CA GLU A 271 4.12 -16.52 -18.33
C GLU A 271 4.91 -15.52 -17.49
N GLY A 272 5.35 -15.95 -16.31
CA GLY A 272 6.24 -15.13 -15.49
C GLY A 272 5.61 -14.19 -14.46
N GLY A 273 4.28 -14.06 -14.48
CA GLY A 273 3.54 -13.26 -13.50
C GLY A 273 3.54 -13.88 -12.10
N ARG A 274 3.31 -13.06 -11.07
CA ARG A 274 3.40 -13.54 -9.68
C ARG A 274 2.14 -13.40 -8.85
N ILE A 275 2.00 -14.31 -7.87
CA ILE A 275 0.89 -14.32 -6.93
C ILE A 275 1.50 -14.37 -5.55
N VAL A 276 1.11 -13.43 -4.70
CA VAL A 276 1.52 -13.46 -3.29
C VAL A 276 0.27 -13.72 -2.44
N SER A 277 0.41 -14.63 -1.48
CA SER A 277 -0.72 -15.06 -0.69
C SER A 277 -0.31 -15.51 0.71
N SER A 278 -1.28 -15.53 1.62
CA SER A 278 -1.07 -16.09 2.95
C SER A 278 -1.01 -17.62 2.90
N LYS A 279 -1.86 -18.21 2.07
CA LYS A 279 -1.93 -19.66 1.91
C LYS A 279 -1.45 -20.08 0.52
N PRO A 280 -0.76 -21.24 0.42
CA PRO A 280 -0.20 -21.62 -0.87
C PRO A 280 -1.23 -22.23 -1.81
N PHE A 281 -1.26 -21.73 -3.04
CA PHE A 281 -2.15 -22.27 -4.07
C PHE A 281 -1.60 -23.55 -4.69
N ALA A 282 -0.33 -23.84 -4.39
CA ALA A 282 0.32 -25.09 -4.78
C ALA A 282 1.19 -25.59 -3.64
N PRO A 283 1.17 -26.91 -3.35
CA PRO A 283 2.05 -27.45 -2.31
C PRO A 283 3.52 -27.11 -2.54
N LEU A 284 4.28 -27.06 -1.45
CA LEU A 284 5.66 -26.55 -1.48
C LEU A 284 6.65 -27.54 -2.06
N ASN A 285 6.57 -28.79 -1.60
CA ASN A 285 7.43 -29.86 -2.11
C ASN A 285 6.76 -30.62 -3.26
N PHE A 286 6.27 -29.86 -4.24
CA PHE A 286 5.49 -30.43 -5.35
C PHE A 286 6.38 -31.05 -6.42
N ARG A 287 6.37 -32.38 -6.48
CA ARG A 287 7.02 -33.12 -7.55
C ARG A 287 5.94 -33.52 -8.55
N ILE A 288 6.24 -33.40 -9.84
CA ILE A 288 5.26 -33.67 -10.89
C ILE A 288 5.29 -35.15 -11.32
N ASN A 289 4.12 -35.78 -11.31
CA ASN A 289 4.00 -37.19 -11.69
C ASN A 289 2.68 -37.53 -12.40
N SER A 290 2.27 -38.79 -12.28
CA SER A 290 1.12 -39.34 -13.02
C SER A 290 -0.19 -38.61 -12.73
N ARG A 291 -0.68 -38.72 -11.49
CA ARG A 291 -2.01 -38.24 -11.12
C ARG A 291 -2.06 -36.78 -10.61
N ASN A 292 -1.15 -35.94 -11.08
CA ASN A 292 -1.13 -34.52 -10.69
C ASN A 292 -0.92 -33.54 -11.85
N LEU A 293 -1.01 -34.03 -13.08
CA LEU A 293 -0.78 -33.22 -14.28
C LEU A 293 -1.86 -32.15 -14.53
N SER A 294 -3.04 -32.36 -13.93
CA SER A 294 -4.14 -31.41 -14.03
C SER A 294 -3.99 -30.23 -13.07
N ASP A 295 -3.20 -30.43 -12.02
CA ASP A 295 -3.05 -29.47 -10.92
C ASP A 295 -2.25 -28.24 -11.30
N ILE A 296 -2.61 -27.11 -10.69
CA ILE A 296 -1.98 -25.80 -10.93
C ILE A 296 -0.46 -25.79 -10.65
N GLY A 297 -0.04 -26.55 -9.64
CA GLY A 297 1.38 -26.67 -9.30
C GLY A 297 2.31 -27.01 -10.45
N THR A 298 1.72 -27.46 -11.55
CA THR A 298 2.48 -27.87 -12.73
C THR A 298 3.00 -26.68 -13.52
N ILE A 299 2.35 -25.53 -13.34
CA ILE A 299 2.65 -24.35 -14.14
C ILE A 299 3.20 -23.18 -13.32
N MET A 300 3.71 -23.47 -12.13
CA MET A 300 4.22 -22.41 -11.25
C MET A 300 5.19 -22.87 -10.17
N ARG A 301 6.15 -22.00 -9.84
CA ARG A 301 7.05 -22.19 -8.73
C ARG A 301 6.41 -21.64 -7.46
N VAL A 302 6.78 -22.19 -6.31
CA VAL A 302 6.25 -21.70 -5.03
C VAL A 302 7.36 -21.65 -4.00
N VAL A 303 8.07 -20.52 -3.93
CA VAL A 303 9.09 -20.31 -2.90
C VAL A 303 8.51 -19.54 -1.72
N GLU A 304 8.89 -19.95 -0.51
CA GLU A 304 8.33 -19.38 0.72
C GLU A 304 9.07 -18.13 1.17
N LEU A 305 8.31 -17.11 1.51
CA LEU A 305 8.85 -15.84 1.99
C LEU A 305 8.84 -15.79 3.51
N SER A 306 9.99 -15.43 4.08
CA SER A 306 10.14 -15.37 5.53
C SER A 306 9.54 -14.08 6.07
N PRO A 307 8.84 -14.18 7.22
CA PRO A 307 8.07 -13.03 7.74
C PRO A 307 8.95 -11.98 8.43
N LEU A 308 8.51 -10.72 8.38
CA LEU A 308 9.20 -9.65 9.08
C LEU A 308 9.00 -9.81 10.58
N LYS A 309 10.08 -9.60 11.33
CA LYS A 309 10.16 -9.96 12.75
C LYS A 309 9.16 -9.26 13.66
N GLY A 310 8.65 -8.09 13.24
CA GLY A 310 7.73 -7.30 14.06
C GLY A 310 6.34 -7.14 13.47
N SER A 311 5.63 -8.26 13.35
CA SER A 311 4.27 -8.27 12.80
C SER A 311 3.49 -9.54 13.17
N VAL A 312 2.20 -9.36 13.45
CA VAL A 312 1.30 -10.47 13.76
C VAL A 312 0.01 -10.33 12.95
N GLY A 316 -2.56 -17.28 16.91
CA GLY A 316 -1.74 -18.16 16.07
C GLY A 316 -0.47 -17.49 15.59
N LYS A 317 0.62 -17.69 16.34
CA LYS A 317 1.90 -17.01 16.10
C LYS A 317 2.69 -17.44 14.84
N PRO A 318 2.70 -18.75 14.49
CA PRO A 318 3.58 -19.13 13.38
C PRO A 318 2.96 -18.91 12.01
N VAL A 319 3.40 -17.84 11.34
CA VAL A 319 2.90 -17.50 10.01
C VAL A 319 4.02 -17.13 9.04
N SER A 320 3.88 -17.60 7.80
CA SER A 320 4.81 -17.27 6.72
C SER A 320 4.01 -16.98 5.44
N TYR A 321 4.71 -16.56 4.39
CA TYR A 321 4.03 -16.18 3.14
C TYR A 321 4.60 -16.86 1.89
N TYR A 322 3.88 -16.76 0.79
CA TYR A 322 4.16 -17.59 -0.39
C TYR A 322 4.12 -16.81 -1.69
N LEU A 323 5.20 -16.88 -2.43
CA LEU A 323 5.33 -16.19 -3.70
C LEU A 323 5.27 -17.21 -4.83
N HIS A 324 4.22 -17.12 -5.64
CA HIS A 324 4.03 -18.02 -6.77
C HIS A 324 4.43 -17.30 -8.05
N THR A 325 5.23 -17.96 -8.89
CA THR A 325 5.57 -17.43 -10.21
C THR A 325 5.20 -18.43 -11.30
N ILE A 326 4.38 -17.97 -12.26
CA ILE A 326 3.98 -18.76 -13.42
C ILE A 326 5.22 -19.28 -14.15
N ASP A 327 5.34 -20.61 -14.18
CA ASP A 327 6.46 -21.26 -14.86
C ASP A 327 6.02 -22.57 -15.51
N ARG A 328 5.78 -22.50 -16.82
CA ARG A 328 5.35 -23.69 -17.57
C ARG A 328 6.52 -24.53 -18.07
N THR A 329 7.75 -24.03 -17.85
CA THR A 329 8.96 -24.80 -18.08
C THR A 329 8.98 -26.02 -17.15
N ILE A 330 8.39 -25.84 -15.96
CA ILE A 330 8.13 -26.95 -15.02
C ILE A 330 7.42 -28.08 -15.77
N LEU A 331 6.38 -27.71 -16.52
CA LEU A 331 5.62 -28.67 -17.32
C LEU A 331 6.46 -29.19 -18.49
N GLU A 332 6.96 -28.28 -19.33
CA GLU A 332 7.82 -28.63 -20.47
C GLU A 332 8.88 -29.68 -20.12
N ASN A 333 9.54 -29.50 -18.97
CA ASN A 333 10.56 -30.44 -18.49
C ASN A 333 10.04 -31.86 -18.33
N TYR A 334 8.83 -31.98 -17.79
CA TYR A 334 8.18 -33.28 -17.60
C TYR A 334 7.87 -33.96 -18.94
N PHE A 335 7.56 -33.15 -19.95
CA PHE A 335 7.33 -33.65 -21.30
C PHE A 335 8.62 -33.79 -22.10
N SER A 336 9.70 -33.20 -21.60
CA SER A 336 11.02 -33.44 -22.14
C SER A 336 11.60 -34.72 -21.54
N SER A 337 11.08 -35.10 -20.36
CA SER A 337 11.56 -36.27 -19.63
C SER A 337 10.87 -37.57 -20.05
N LEU A 338 9.63 -37.47 -20.53
CA LEU A 338 8.90 -38.66 -20.97
C LEU A 338 9.44 -39.23 -22.29
N LYS A 339 10.16 -38.40 -23.03
CA LYS A 339 10.84 -38.82 -24.25
C LYS A 339 12.07 -39.67 -23.96
N ASN A 340 12.92 -39.21 -23.05
CA ASN A 340 14.24 -39.80 -22.81
C ASN A 340 14.52 -40.20 -21.35
N PRO A 341 14.08 -41.43 -20.96
CA PRO A 341 14.37 -41.92 -19.61
C PRO A 341 15.84 -42.32 -19.40
N LYS A 342 16.54 -41.53 -18.60
CA LYS A 342 17.91 -41.85 -18.18
C LYS A 342 17.88 -42.60 -16.84
N LEU A 343 17.02 -42.13 -15.94
CA LEU A 343 16.89 -42.65 -14.57
C LEU A 343 18.20 -42.67 -13.80
C2 EP6 B . -14.34 -8.90 -4.14
C4 EP6 B . -13.90 -9.81 -2.06
C5 EP6 B . -14.26 -11.05 -2.54
C6 EP6 B . -14.67 -11.18 -3.85
C8 EP6 B . -13.70 -11.26 -0.47
NAV EP6 B . -4.54 -6.56 0.69
CBB EP6 B . -3.64 -7.52 0.83
CAK EP6 B . -2.97 -8.35 -0.08
CAI EP6 B . -2.05 -9.29 0.38
CAZ EP6 B . -1.79 -9.42 1.75
CBO EP6 B . -0.78 -10.45 2.26
CAD EP6 B . -0.12 -11.16 1.06
CAE EP6 B . 0.31 -9.75 3.08
CAC EP6 B . -1.49 -11.47 3.15
CAM EP6 B . -2.46 -8.58 2.65
CBC EP6 B . -3.37 -7.64 2.19
NAW EP6 B . -4.13 -6.74 2.82
CBA EP6 B . -4.83 -6.08 1.90
CAN EP6 B . -5.83 -4.97 2.20
CAO EP6 B . -7.24 -5.57 2.03
CBG EP6 B . -7.72 -6.28 3.29
CAQ EP6 B . -7.38 -7.77 3.25
CAP EP6 B . -9.19 -6.66 3.10
CBH EP6 B . -8.85 -8.08 3.56
NBM EP6 B . -9.42 -9.07 2.62
CBF EP6 B . -8.59 -10.29 2.45
CAB EP6 B . -8.73 -11.28 3.62
CAA EP6 B . -8.89 -10.95 1.09
CAR EP6 B . -10.86 -9.34 2.87
CBK EP6 B . -11.71 -8.54 1.87
OAX EP6 B . -11.89 -9.37 0.72
CBI EP6 B . -13.12 -8.26 2.42
OAG EP6 B . -13.30 -6.85 2.56
CBJ EP6 B . -14.05 -8.76 1.32
OAH EP6 B . -15.06 -7.77 1.05
CBL EP6 B . -13.10 -8.90 0.13
N9 EP6 B . -13.56 -9.96 -0.79
N7 EP6 B . -14.13 -11.93 -1.54
N3 EP6 B . -13.95 -8.76 -2.88
N1 EP6 B . -14.69 -10.08 -4.62
N6 EP6 B . -15.02 -12.36 -4.33
S SO4 C . 11.51 8.67 -8.45
O1 SO4 C . 11.38 9.92 -9.24
O2 SO4 C . 10.35 8.53 -7.56
O3 SO4 C . 12.75 8.71 -7.62
O4 SO4 C . 11.56 7.50 -9.37
S SO4 D . -5.95 -28.57 -8.29
O1 SO4 D . -6.22 -29.82 -9.05
O2 SO4 D . -7.17 -28.14 -7.57
O3 SO4 D . -4.87 -28.83 -7.31
O4 SO4 D . -5.51 -27.52 -9.24
#